data_3TXA
#
_entry.id   3TXA
#
_cell.length_a   124.585
_cell.length_b   124.585
_cell.length_c   117.839
_cell.angle_alpha   90.00
_cell.angle_beta   90.00
_cell.angle_gamma   120.00
#
_symmetry.space_group_name_H-M   'P 31 2 1'
#
loop_
_entity.id
_entity.type
_entity.pdbx_description
1 polymer 'Cell wall surface anchor family protein'
2 non-polymer 'MAGNESIUM ION'
3 non-polymer 'CADMIUM ION'
4 non-polymer 'LITHIUM ION'
5 water water
#
_entity_poly.entity_id   1
_entity_poly.type   'polypeptide(L)'
_entity_poly.pdbx_seq_one_letter_code
;DNATPLGKATFVLKNDNDKSETSHETVEGSGEATFENIKPGDYTLREETAPIGYKKTDKTWKVKVADNGATIIEGMDADK
AEKRKEVLNAQYPKSAIYEDTKENYPLVNVEGSKVGEQYKALNPINGKDGRREIAEGWLSKKITGVNDLDKNKYKIELTV
EGKTTVETKELNQPLDVVVLLDNSNSMNNERANNSQRALKAGEAVEKLIDKITSNKDNRVALVTYASTIFDGTEATVSKG
VADQNGKALNDSVSWDYHKTTFTATTHNYSYLNLTNDANEVNILKSRIPKEAEHINGDRTLYQFGATFTQKALMKANEIL
ETQSSNARKKLIFHVTDGVPTMSYAINFNPYISTSYQNQFNSFLNKIPDRSGILQEDFIINGDDYQIVKGDGESFKLFSD
RKVPVTGGTTQAAYRVPQNQLSVMSNEGYAINSGYIYLYWRDYNWVYPFDPKTKKVSATKQIKTHGEPTTLYFNGNIRPK
GYDIFTVGIGVNGDPGATPLEAEKFMQSISSKTENYTNVDDTNKIYDELNKYFKTIVEEKHSIVDGNVTDPMGEMIEFQL
KNGQSFTHDDYVLVGNDGSQLKNGVALGGPNSDGGILKDVTVTYDKTSQTIKINHLNLGSGQKVVLTYDVRLKDNYISNK
FYNTNNRTTLSPKSEKEPNTIRDFPIPKIRDVREFPVLTISN
;
_entity_poly.pdbx_strand_id   A
#
# COMPACT_ATOMS: atom_id res chain seq x y z
N ALA A 90 6.78 -46.59 -31.27
CA ALA A 90 5.60 -45.69 -31.44
C ALA A 90 4.71 -45.57 -30.18
N GLN A 91 5.32 -45.81 -29.01
CA GLN A 91 4.72 -45.55 -27.68
C GLN A 91 5.51 -44.42 -26.95
N TYR A 92 4.81 -43.58 -26.18
CA TYR A 92 5.45 -42.41 -25.54
C TYR A 92 5.46 -42.50 -24.01
N PRO A 93 6.60 -42.15 -23.36
CA PRO A 93 6.57 -41.99 -21.90
C PRO A 93 5.71 -40.80 -21.48
N LYS A 94 4.75 -41.04 -20.59
CA LYS A 94 3.76 -40.01 -20.17
C LYS A 94 4.38 -38.87 -19.38
N SER A 95 5.49 -39.16 -18.68
CA SER A 95 6.12 -38.21 -17.75
C SER A 95 7.52 -38.64 -17.34
N ALA A 96 8.26 -37.73 -16.71
CA ALA A 96 9.52 -38.05 -16.07
C ALA A 96 9.71 -37.29 -14.75
N ILE A 97 10.94 -37.31 -14.22
CA ILE A 97 11.19 -37.09 -12.80
C ILE A 97 12.29 -36.05 -12.52
N TYR A 98 11.98 -35.06 -11.69
CA TYR A 98 12.99 -34.13 -11.16
C TYR A 98 13.95 -34.88 -10.23
N GLU A 99 15.21 -34.50 -10.23
CA GLU A 99 16.22 -35.23 -9.48
C GLU A 99 16.51 -34.55 -8.13
N ASP A 100 15.79 -33.46 -7.85
CA ASP A 100 16.00 -32.71 -6.61
C ASP A 100 14.85 -32.88 -5.60
N THR A 101 13.66 -33.23 -6.11
CA THR A 101 12.47 -33.39 -5.26
C THR A 101 11.79 -34.72 -5.52
N LYS A 102 12.16 -35.36 -6.64
CA LYS A 102 11.60 -36.65 -7.06
C LYS A 102 10.17 -36.61 -7.60
N GLU A 103 9.53 -35.44 -7.54
CA GLU A 103 8.15 -35.32 -8.04
C GLU A 103 8.07 -35.44 -9.57
N ASN A 104 6.89 -35.78 -10.07
CA ASN A 104 6.67 -36.04 -11.49
C ASN A 104 6.44 -34.76 -12.28
N TYR A 105 6.89 -34.74 -13.53
CA TYR A 105 6.42 -33.76 -14.50
C TYR A 105 5.90 -34.43 -15.76
N PRO A 106 4.72 -34.00 -16.23
CA PRO A 106 4.14 -34.62 -17.43
C PRO A 106 4.88 -34.21 -18.70
N LEU A 107 5.02 -35.17 -19.63
CA LEU A 107 5.58 -34.89 -20.96
C LEU A 107 4.50 -34.84 -22.03
N VAL A 108 4.30 -33.66 -22.62
CA VAL A 108 3.36 -33.49 -23.73
C VAL A 108 4.09 -33.74 -25.09
N ASN A 109 3.35 -33.73 -26.20
CA ASN A 109 3.94 -33.90 -27.52
C ASN A 109 4.29 -32.54 -28.12
N VAL A 110 5.43 -32.46 -28.83
CA VAL A 110 5.76 -31.23 -29.59
C VAL A 110 5.12 -31.27 -30.97
N GLU A 111 4.20 -30.33 -31.20
CA GLU A 111 3.38 -30.37 -32.40
C GLU A 111 4.19 -30.41 -33.70
N GLY A 112 4.97 -29.37 -33.98
CA GLY A 112 5.77 -29.29 -35.21
C GLY A 112 6.65 -30.48 -35.56
N SER A 113 6.71 -31.48 -34.66
CA SER A 113 7.51 -32.69 -34.85
C SER A 113 6.70 -33.88 -35.37
N LYS A 114 5.83 -33.63 -36.35
CA LYS A 114 4.87 -34.64 -36.83
C LYS A 114 5.33 -35.44 -38.05
N VAL A 115 5.36 -36.76 -37.89
CA VAL A 115 5.55 -37.70 -38.99
C VAL A 115 4.26 -38.54 -39.15
N GLY A 116 3.28 -37.95 -39.85
CA GLY A 116 1.95 -38.53 -40.04
C GLY A 116 1.40 -39.31 -38.85
N GLU A 117 0.69 -38.62 -37.96
CA GLU A 117 0.01 -39.25 -36.78
C GLU A 117 0.94 -39.87 -35.72
N GLN A 118 2.24 -39.59 -35.85
CA GLN A 118 3.27 -39.99 -34.86
C GLN A 118 4.23 -38.82 -34.54
N TYR A 119 4.69 -38.76 -33.29
CA TYR A 119 5.48 -37.62 -32.77
C TYR A 119 6.95 -37.94 -32.49
N LYS A 120 7.84 -37.04 -32.90
CA LYS A 120 9.29 -37.25 -32.76
C LYS A 120 9.96 -36.56 -31.56
N ALA A 121 9.25 -35.62 -30.93
CA ALA A 121 9.78 -34.93 -29.75
C ALA A 121 8.72 -34.59 -28.69
N LEU A 122 9.19 -34.51 -27.44
CA LEU A 122 8.32 -34.31 -26.28
C LEU A 122 8.80 -33.19 -25.35
N ASN A 123 7.92 -32.23 -25.10
CA ASN A 123 8.20 -31.14 -24.16
C ASN A 123 7.62 -31.41 -22.77
N PRO A 124 8.19 -30.80 -21.72
CA PRO A 124 7.66 -30.99 -20.37
C PRO A 124 6.64 -29.95 -19.97
N ILE A 125 5.89 -30.27 -18.90
CA ILE A 125 4.81 -29.44 -18.32
C ILE A 125 3.63 -29.15 -19.29
N ASN A 126 3.50 -27.92 -19.80
CA ASN A 126 2.46 -27.60 -20.79
C ASN A 126 3.02 -27.37 -22.22
N GLY A 127 2.13 -27.22 -23.21
CA GLY A 127 2.54 -26.90 -24.58
C GLY A 127 2.68 -25.40 -24.82
N LYS A 128 2.52 -24.64 -23.73
CA LYS A 128 2.68 -23.18 -23.75
C LYS A 128 4.05 -22.76 -23.14
N ASP A 129 4.04 -21.83 -22.16
CA ASP A 129 5.28 -21.27 -21.54
C ASP A 129 6.14 -22.29 -20.77
N GLY A 130 5.50 -23.37 -20.28
CA GLY A 130 6.20 -24.52 -19.71
C GLY A 130 6.94 -24.32 -18.39
N ARG A 131 6.52 -23.32 -17.60
CA ARG A 131 7.19 -22.93 -16.35
C ARG A 131 7.17 -23.96 -15.21
N ARG A 132 8.22 -23.95 -14.41
CA ARG A 132 8.27 -24.69 -13.16
C ARG A 132 8.54 -23.68 -12.05
N GLU A 133 7.61 -23.56 -11.11
CA GLU A 133 7.83 -22.66 -9.98
C GLU A 133 8.78 -23.30 -9.00
N ILE A 134 9.70 -22.49 -8.52
CA ILE A 134 10.64 -22.88 -7.51
C ILE A 134 10.68 -21.73 -6.51
N ALA A 135 11.24 -21.97 -5.34
CA ALA A 135 11.26 -20.92 -4.32
C ALA A 135 11.97 -19.64 -4.78
N GLU A 136 12.88 -19.75 -5.73
CA GLU A 136 13.60 -18.55 -6.20
C GLU A 136 12.98 -17.91 -7.44
N GLY A 137 12.02 -18.62 -8.03
CA GLY A 137 11.26 -18.08 -9.15
C GLY A 137 10.73 -19.13 -10.10
N TRP A 138 10.98 -18.92 -11.37
CA TRP A 138 10.45 -19.86 -12.35
C TRP A 138 11.52 -20.25 -13.33
N LEU A 139 11.43 -21.47 -13.83
CA LEU A 139 12.33 -21.87 -14.86
C LEU A 139 11.72 -22.87 -15.80
N SER A 140 12.09 -22.76 -17.08
CA SER A 140 11.59 -23.64 -18.13
C SER A 140 12.74 -24.06 -19.03
N LYS A 141 12.55 -25.17 -19.73
CA LYS A 141 13.45 -25.64 -20.74
C LYS A 141 12.63 -26.45 -21.69
N LYS A 142 12.56 -26.01 -22.95
CA LYS A 142 11.67 -26.61 -23.94
C LYS A 142 12.19 -26.42 -25.36
N ILE A 143 11.80 -27.33 -26.26
CA ILE A 143 11.98 -27.17 -27.70
C ILE A 143 11.00 -26.10 -28.22
N THR A 144 11.48 -24.91 -28.60
CA THR A 144 10.59 -23.89 -29.17
C THR A 144 10.52 -23.92 -30.70
N GLY A 145 11.33 -24.77 -31.31
CA GLY A 145 11.48 -24.69 -32.74
C GLY A 145 11.99 -26.01 -33.22
N VAL A 146 11.38 -26.47 -34.30
CA VAL A 146 11.91 -27.60 -35.06
C VAL A 146 12.58 -26.97 -36.26
N ASN A 147 13.90 -27.12 -36.33
CA ASN A 147 14.68 -26.44 -37.37
C ASN A 147 14.61 -27.20 -38.70
N ASP A 148 14.72 -28.53 -38.60
CA ASP A 148 14.76 -29.45 -39.72
C ASP A 148 14.38 -30.81 -39.16
N LEU A 149 13.12 -31.20 -39.40
CA LEU A 149 12.55 -32.39 -38.78
C LEU A 149 13.24 -33.68 -39.19
N ASP A 150 13.58 -33.78 -40.47
CA ASP A 150 14.11 -35.02 -41.06
C ASP A 150 15.48 -35.32 -40.49
N LYS A 151 16.27 -34.27 -40.29
CA LYS A 151 17.64 -34.40 -39.81
C LYS A 151 17.79 -34.29 -38.28
N ASN A 152 16.67 -34.05 -37.60
CA ASN A 152 16.60 -34.02 -36.12
C ASN A 152 17.24 -32.79 -35.49
N LYS A 153 16.94 -31.64 -36.06
CA LYS A 153 17.50 -30.39 -35.63
C LYS A 153 16.46 -29.55 -34.91
N TYR A 154 16.74 -29.34 -33.61
CA TYR A 154 15.82 -28.63 -32.73
C TYR A 154 16.48 -27.43 -32.05
N LYS A 155 15.63 -26.48 -31.62
CA LYS A 155 16.03 -25.25 -30.97
C LYS A 155 15.53 -25.27 -29.53
N ILE A 156 16.46 -25.39 -28.59
CA ILE A 156 16.16 -25.39 -27.16
C ILE A 156 16.01 -23.97 -26.64
N GLU A 157 14.98 -23.75 -25.83
CA GLU A 157 14.84 -22.52 -25.08
C GLU A 157 14.92 -22.81 -23.57
N LEU A 158 15.69 -21.98 -22.88
CA LEU A 158 15.87 -22.08 -21.44
C LEU A 158 15.58 -20.71 -20.85
N THR A 159 14.82 -20.65 -19.76
CA THR A 159 14.41 -19.37 -19.16
C THR A 159 14.49 -19.44 -17.64
N VAL A 160 14.78 -18.30 -17.02
CA VAL A 160 14.93 -18.18 -15.58
C VAL A 160 14.33 -16.84 -15.16
N GLU A 161 13.37 -16.88 -14.25
CA GLU A 161 12.77 -15.65 -13.73
C GLU A 161 12.87 -15.70 -12.21
N GLY A 162 13.19 -14.56 -11.61
CA GLY A 162 13.44 -14.50 -10.18
C GLY A 162 12.38 -13.75 -9.39
N LYS A 163 12.61 -13.66 -8.08
CA LYS A 163 11.67 -13.04 -7.14
C LYS A 163 12.34 -11.94 -6.32
N THR A 164 11.53 -11.18 -5.61
CA THR A 164 12.04 -10.27 -4.58
C THR A 164 11.22 -10.52 -3.33
N THR A 165 11.82 -10.34 -2.15
CA THR A 165 11.03 -10.16 -0.93
C THR A 165 11.59 -9.04 -0.13
N VAL A 166 10.81 -8.69 0.89
CA VAL A 166 11.30 -7.89 1.97
C VAL A 166 11.39 -8.78 3.20
N GLU A 167 12.58 -8.76 3.81
CA GLU A 167 12.84 -9.44 5.10
C GLU A 167 13.03 -8.27 6.04
N THR A 168 12.54 -8.43 7.27
CA THR A 168 12.61 -7.31 8.22
C THR A 168 13.94 -7.36 8.97
N LYS A 169 14.64 -6.23 9.00
CA LYS A 169 15.99 -6.15 9.55
C LYS A 169 16.15 -6.78 10.94
N GLU A 170 15.34 -6.32 11.90
CA GLU A 170 15.23 -6.96 13.20
C GLU A 170 14.55 -8.35 13.14
N LEU A 171 15.39 -9.35 12.88
CA LEU A 171 15.14 -10.75 13.27
C LEU A 171 13.97 -11.44 12.53
N ASN A 172 13.92 -11.27 11.19
CA ASN A 172 12.89 -11.94 10.35
C ASN A 172 11.46 -11.94 10.97
N GLN A 173 11.16 -10.88 11.73
CA GLN A 173 9.86 -10.79 12.40
C GLN A 173 8.75 -10.35 11.44
N PRO A 174 7.62 -11.06 11.43
CA PRO A 174 6.49 -10.62 10.61
C PRO A 174 5.96 -9.20 10.97
N LEU A 175 5.51 -8.47 9.96
CA LEU A 175 4.87 -7.20 10.23
C LEU A 175 3.34 -7.32 10.20
N ASP A 176 2.71 -6.50 11.02
CA ASP A 176 1.30 -6.27 10.93
C ASP A 176 1.26 -4.77 10.70
N VAL A 177 0.61 -4.36 9.59
CA VAL A 177 0.69 -2.96 9.10
C VAL A 177 -0.70 -2.39 8.85
N VAL A 178 -0.93 -1.22 9.42
CA VAL A 178 -2.18 -0.52 9.25
C VAL A 178 -1.84 0.76 8.53
N VAL A 179 -2.45 0.94 7.35
CA VAL A 179 -2.35 2.23 6.60
C VAL A 179 -3.51 3.17 6.94
N LEU A 180 -3.18 4.39 7.31
CA LEU A 180 -4.19 5.40 7.57
C LEU A 180 -4.15 6.37 6.43
N LEU A 181 -5.29 6.60 5.78
CA LEU A 181 -5.37 7.44 4.59
C LEU A 181 -6.42 8.52 4.74
N ASP A 182 -5.96 9.76 4.75
CA ASP A 182 -6.85 10.94 4.68
C ASP A 182 -7.62 11.10 3.32
N ASN A 183 -8.95 11.15 3.41
CA ASN A 183 -9.77 11.29 2.24
C ASN A 183 -10.68 12.49 2.36
N SER A 184 -10.18 13.53 3.01
CA SER A 184 -10.92 14.76 3.17
C SER A 184 -11.14 15.48 1.83
N ASN A 185 -12.16 16.34 1.80
CA ASN A 185 -12.49 17.13 0.59
C ASN A 185 -11.23 17.76 0.01
N SER A 186 -10.34 18.28 0.86
CA SER A 186 -9.11 18.92 0.35
C SER A 186 -8.22 18.03 -0.53
N MET A 187 -8.47 16.71 -0.53
CA MET A 187 -7.66 15.73 -1.24
C MET A 187 -8.16 15.54 -2.64
N ASN A 188 -9.30 16.17 -2.97
CA ASN A 188 -9.88 16.08 -4.29
C ASN A 188 -8.82 16.37 -5.33
N ASN A 189 -8.86 15.66 -6.44
CA ASN A 189 -7.81 15.84 -7.44
C ASN A 189 -7.67 17.22 -8.06
N GLU A 190 -8.79 17.92 -8.19
CA GLU A 190 -8.83 19.31 -8.64
C GLU A 190 -7.97 20.22 -7.82
N ARG A 191 -7.93 20.00 -6.51
CA ARG A 191 -7.42 20.97 -5.54
C ARG A 191 -5.91 21.16 -5.64
N ALA A 192 -5.46 22.29 -5.08
CA ALA A 192 -4.05 22.71 -5.09
C ALA A 192 -3.44 22.66 -6.50
N ASN A 193 -4.08 23.38 -7.43
CA ASN A 193 -3.77 23.36 -8.88
C ASN A 193 -3.69 21.97 -9.50
N ASN A 194 -4.77 21.22 -9.37
CA ASN A 194 -4.81 19.87 -9.94
C ASN A 194 -3.55 19.12 -9.52
N SER A 195 -3.24 19.08 -8.22
CA SER A 195 -2.03 18.38 -7.80
C SER A 195 -2.26 16.88 -7.67
N GLN A 196 -3.52 16.47 -7.76
CA GLN A 196 -3.90 15.04 -7.81
C GLN A 196 -3.61 14.27 -6.51
N ARG A 197 -3.87 14.91 -5.37
CA ARG A 197 -3.63 14.33 -4.06
C ARG A 197 -4.26 12.96 -3.87
N ALA A 198 -5.58 12.85 -4.03
CA ALA A 198 -6.22 11.61 -3.74
C ALA A 198 -5.74 10.51 -4.65
N LEU A 199 -5.54 10.81 -5.94
CA LEU A 199 -5.06 9.80 -6.88
C LEU A 199 -3.67 9.34 -6.53
N LYS A 200 -2.77 10.31 -6.32
CA LYS A 200 -1.38 9.99 -6.10
C LYS A 200 -1.19 9.27 -4.75
N ALA A 201 -1.87 9.77 -3.70
CA ALA A 201 -1.82 9.12 -2.39
C ALA A 201 -2.30 7.71 -2.52
N GLY A 202 -3.47 7.56 -3.12
CA GLY A 202 -4.04 6.25 -3.28
C GLY A 202 -3.09 5.33 -4.01
N GLU A 203 -2.35 5.82 -4.98
CA GLU A 203 -1.50 4.90 -5.72
C GLU A 203 -0.20 4.55 -4.95
N ALA A 204 0.26 5.50 -4.14
CA ALA A 204 1.39 5.32 -3.25
C ALA A 204 1.05 4.20 -2.28
N VAL A 205 -0.15 4.28 -1.69
CA VAL A 205 -0.61 3.30 -0.75
C VAL A 205 -0.69 1.93 -1.41
N GLU A 206 -1.26 1.85 -2.61
CA GLU A 206 -1.37 0.57 -3.32
C GLU A 206 0.01 -0.04 -3.52
N LYS A 207 0.97 0.79 -3.89
CA LYS A 207 2.34 0.34 -4.20
C LYS A 207 2.95 -0.23 -2.89
N LEU A 208 2.93 0.59 -1.84
CA LEU A 208 3.36 0.17 -0.51
C LEU A 208 2.66 -1.12 -0.06
N ILE A 209 1.34 -1.22 -0.22
CA ILE A 209 0.64 -2.46 0.17
C ILE A 209 1.18 -3.67 -0.58
N ASP A 210 1.73 -3.45 -1.76
CA ASP A 210 2.12 -4.58 -2.59
C ASP A 210 3.48 -5.08 -2.11
N LYS A 211 4.39 -4.11 -1.93
CA LYS A 211 5.70 -4.33 -1.44
C LYS A 211 5.63 -5.04 -0.11
N ILE A 212 4.78 -4.52 0.81
CA ILE A 212 4.57 -5.11 2.14
C ILE A 212 4.14 -6.56 2.00
N THR A 213 3.17 -6.82 1.15
CA THR A 213 2.64 -8.16 1.02
C THR A 213 3.44 -9.01 0.06
N SER A 214 4.60 -8.53 -0.40
CA SER A 214 5.47 -9.41 -1.21
C SER A 214 6.03 -10.51 -0.32
N ASN A 215 5.90 -10.33 0.99
CA ASN A 215 6.26 -11.33 1.96
C ASN A 215 5.01 -12.02 2.51
N LYS A 216 4.76 -13.25 2.10
CA LYS A 216 3.51 -13.97 2.44
C LYS A 216 3.07 -13.87 3.89
N ASP A 217 4.00 -13.46 4.76
CA ASP A 217 3.81 -13.49 6.21
C ASP A 217 3.23 -12.21 6.80
N ASN A 218 3.76 -11.07 6.33
CA ASN A 218 3.24 -9.73 6.60
C ASN A 218 1.74 -9.56 6.37
N ARG A 219 1.13 -8.72 7.19
CA ARG A 219 -0.30 -8.49 7.12
C ARG A 219 -0.58 -7.00 7.05
N VAL A 220 -1.71 -6.68 6.42
CA VAL A 220 -2.06 -5.30 6.12
C VAL A 220 -3.53 -5.07 6.45
N ALA A 221 -3.82 -3.83 6.77
CA ALA A 221 -5.16 -3.37 7.05
C ALA A 221 -5.17 -1.91 6.63
N LEU A 222 -6.35 -1.41 6.28
CA LEU A 222 -6.47 -0.05 5.77
C LEU A 222 -7.60 0.71 6.44
N VAL A 223 -7.31 1.91 6.90
CA VAL A 223 -8.33 2.82 7.42
C VAL A 223 -8.37 4.14 6.63
N THR A 224 -9.44 4.38 5.89
CA THR A 224 -9.60 5.69 5.22
C THR A 224 -10.53 6.54 6.07
N TYR A 225 -10.18 7.80 6.28
CA TYR A 225 -10.91 8.64 7.20
C TYR A 225 -11.09 10.07 6.69
N ALA A 226 -12.05 10.76 7.26
CA ALA A 226 -12.28 12.16 7.01
C ALA A 226 -13.05 12.60 8.25
N SER A 227 -14.34 12.91 8.13
CA SER A 227 -15.13 13.25 9.31
C SER A 227 -15.47 11.98 10.08
N THR A 228 -15.25 10.85 9.47
CA THR A 228 -15.54 9.61 10.15
C THR A 228 -14.75 8.57 9.37
N ILE A 229 -14.87 7.31 9.74
CA ILE A 229 -14.14 6.28 9.02
C ILE A 229 -14.99 5.91 7.81
N PHE A 230 -14.40 5.95 6.62
CA PHE A 230 -15.12 5.53 5.47
C PHE A 230 -15.09 4.02 5.35
N ASP A 231 -16.05 3.35 5.96
CA ASP A 231 -16.04 1.91 5.97
C ASP A 231 -17.32 1.31 5.44
N GLY A 232 -18.12 2.11 4.74
CA GLY A 232 -19.29 1.57 4.10
C GLY A 232 -20.50 1.47 4.99
N THR A 233 -20.49 2.12 6.13
CA THR A 233 -21.65 2.10 7.01
C THR A 233 -22.25 3.50 7.13
N GLU A 234 -23.41 3.59 7.78
CA GLU A 234 -24.11 4.83 7.94
C GLU A 234 -23.42 5.62 9.01
N ALA A 235 -23.21 6.91 8.75
CA ALA A 235 -22.58 7.87 9.66
C ALA A 235 -23.40 9.18 9.71
N THR A 236 -23.34 9.88 10.84
CA THR A 236 -24.01 11.18 11.00
C THR A 236 -22.97 12.25 11.34
N VAL A 237 -23.15 13.48 10.88
CA VAL A 237 -22.28 14.57 11.31
C VAL A 237 -23.16 15.76 11.61
N SER A 238 -22.67 16.69 12.42
CA SER A 238 -23.43 17.86 12.78
C SER A 238 -22.88 19.01 11.99
N LYS A 239 -23.78 19.89 11.53
CA LYS A 239 -23.38 21.07 10.81
C LYS A 239 -24.28 22.23 11.21
N GLY A 240 -23.87 23.43 10.78
CA GLY A 240 -24.70 24.59 10.92
C GLY A 240 -24.12 25.70 11.78
N VAL A 241 -25.04 26.54 12.25
CA VAL A 241 -24.72 27.62 13.18
C VAL A 241 -25.91 27.74 14.09
N ALA A 242 -25.92 28.75 14.94
CA ALA A 242 -27.09 28.93 15.82
C ALA A 242 -27.38 30.38 16.09
N ASP A 243 -28.60 30.62 16.55
CA ASP A 243 -28.98 31.91 17.05
C ASP A 243 -28.41 32.08 18.47
N GLN A 244 -28.82 33.15 19.14
CA GLN A 244 -28.19 33.59 20.38
C GLN A 244 -28.61 32.75 21.57
N ASN A 245 -29.67 31.96 21.42
CA ASN A 245 -30.02 30.98 22.44
C ASN A 245 -29.53 29.58 22.06
N GLY A 246 -28.50 29.53 21.20
CA GLY A 246 -28.07 28.27 20.60
C GLY A 246 -29.11 27.38 19.89
N LYS A 247 -30.13 27.96 19.25
CA LYS A 247 -31.01 27.14 18.41
C LYS A 247 -30.33 26.98 17.05
N ALA A 248 -30.26 25.73 16.59
CA ALA A 248 -29.42 25.39 15.45
C ALA A 248 -30.20 25.61 14.16
N LEU A 249 -29.48 26.11 13.16
CA LEU A 249 -30.02 26.28 11.84
C LEU A 249 -28.90 26.06 10.83
N ASN A 250 -29.28 25.59 9.64
CA ASN A 250 -28.37 25.62 8.51
C ASN A 250 -28.61 26.89 7.69
N ASP A 251 -27.57 27.70 7.55
CA ASP A 251 -27.66 29.03 6.96
C ASP A 251 -27.24 29.05 5.49
N SER A 252 -27.04 27.87 4.92
CA SER A 252 -26.62 27.77 3.52
C SER A 252 -27.83 27.83 2.61
N VAL A 253 -27.71 28.53 1.49
CA VAL A 253 -28.88 28.58 0.60
C VAL A 253 -29.15 27.27 -0.20
N SER A 254 -28.22 26.29 -0.11
CA SER A 254 -28.39 24.98 -0.74
C SER A 254 -29.07 24.00 0.17
N TRP A 255 -29.32 24.40 1.40
CA TRP A 255 -29.95 23.42 2.31
C TRP A 255 -31.09 24.07 3.02
N ASP A 256 -32.12 23.28 3.27
CA ASP A 256 -33.17 23.63 4.18
C ASP A 256 -32.54 24.03 5.52
N TYR A 257 -33.07 25.08 6.16
CA TYR A 257 -32.53 25.52 7.47
C TYR A 257 -32.60 24.46 8.57
N HIS A 258 -33.50 23.47 8.41
CA HIS A 258 -33.58 22.37 9.34
C HIS A 258 -32.42 21.38 9.26
N LYS A 259 -31.58 21.47 8.22
CA LYS A 259 -30.57 20.45 7.92
C LYS A 259 -29.24 20.65 8.71
N THR A 260 -29.32 20.33 9.99
CA THR A 260 -28.25 20.61 10.96
C THR A 260 -27.56 19.32 11.42
N THR A 261 -28.07 18.16 10.97
CA THR A 261 -27.26 16.97 10.87
C THR A 261 -27.40 16.39 9.49
N PHE A 262 -26.36 15.67 9.01
CA PHE A 262 -26.48 14.86 7.80
C PHE A 262 -26.25 13.40 8.12
N THR A 263 -26.94 12.51 7.39
CA THR A 263 -26.80 11.07 7.56
C THR A 263 -26.65 10.41 6.18
N ALA A 264 -25.56 9.70 5.98
CA ALA A 264 -25.29 9.05 4.71
C ALA A 264 -24.53 7.75 4.91
N THR A 265 -24.66 6.85 3.95
CA THR A 265 -23.78 5.71 3.83
C THR A 265 -22.49 6.20 3.20
N THR A 266 -21.36 5.86 3.82
CA THR A 266 -20.07 6.31 3.39
C THR A 266 -19.60 5.32 2.33
N HIS A 267 -18.67 5.73 1.49
CA HIS A 267 -18.03 4.79 0.63
C HIS A 267 -17.25 3.72 1.49
N ASN A 268 -17.24 2.46 1.05
CA ASN A 268 -16.39 1.51 1.68
C ASN A 268 -14.96 1.63 1.24
N TYR A 269 -14.17 2.48 1.90
CA TYR A 269 -12.78 2.68 1.55
C TYR A 269 -11.86 2.14 2.62
N SER A 270 -12.34 1.18 3.39
CA SER A 270 -11.55 0.64 4.48
C SER A 270 -11.52 -0.89 4.44
N TYR A 271 -10.44 -1.46 4.97
CA TYR A 271 -10.42 -2.90 5.20
C TYR A 271 -9.85 -3.05 6.61
N LEU A 272 -10.71 -3.49 7.53
CA LEU A 272 -10.52 -3.27 8.97
C LEU A 272 -10.05 -4.50 9.78
N ASN A 273 -9.80 -5.61 9.08
CA ASN A 273 -9.15 -6.79 9.63
C ASN A 273 -7.74 -6.89 9.08
N LEU A 274 -6.75 -7.18 9.92
CA LEU A 274 -5.40 -7.43 9.37
C LEU A 274 -5.46 -8.72 8.57
N THR A 275 -4.92 -8.70 7.34
CA THR A 275 -5.00 -9.88 6.46
C THR A 275 -3.73 -10.06 5.66
N ASN A 276 -3.46 -11.32 5.33
CA ASN A 276 -2.39 -11.69 4.41
C ASN A 276 -2.89 -12.60 3.29
N ASP A 277 -4.14 -13.01 3.35
CA ASP A 277 -4.82 -13.73 2.27
C ASP A 277 -4.79 -12.95 0.95
N ALA A 278 -4.22 -13.56 -0.10
CA ALA A 278 -4.05 -12.93 -1.43
C ALA A 278 -5.35 -12.28 -2.04
N ASN A 279 -6.47 -12.99 -1.93
CA ASN A 279 -7.73 -12.47 -2.36
C ASN A 279 -8.18 -11.27 -1.51
N GLU A 280 -8.22 -11.43 -0.17
CA GLU A 280 -8.57 -10.32 0.74
C GLU A 280 -7.71 -9.09 0.49
N VAL A 281 -6.44 -9.29 0.20
CA VAL A 281 -5.55 -8.16 -0.05
C VAL A 281 -5.98 -7.44 -1.34
N ASN A 282 -6.42 -8.19 -2.33
CA ASN A 282 -6.90 -7.58 -3.57
C ASN A 282 -8.15 -6.79 -3.31
N ILE A 283 -9.08 -7.34 -2.53
CA ILE A 283 -10.23 -6.55 -2.06
C ILE A 283 -9.79 -5.28 -1.38
N LEU A 284 -8.82 -5.39 -0.49
CA LEU A 284 -8.41 -4.25 0.26
C LEU A 284 -7.93 -3.17 -0.70
N LYS A 285 -7.12 -3.60 -1.68
CA LYS A 285 -6.59 -2.71 -2.72
C LYS A 285 -7.71 -2.07 -3.55
N SER A 286 -8.82 -2.77 -3.77
CA SER A 286 -9.92 -2.21 -4.54
C SER A 286 -10.68 -1.14 -3.75
N ARG A 287 -10.38 -1.01 -2.45
CA ARG A 287 -11.09 -0.07 -1.61
C ARG A 287 -10.27 1.17 -1.37
N ILE A 288 -9.07 1.24 -1.92
CA ILE A 288 -8.30 2.44 -1.67
C ILE A 288 -8.87 3.55 -2.53
N PRO A 289 -9.38 4.65 -1.89
CA PRO A 289 -9.98 5.77 -2.63
C PRO A 289 -9.00 6.38 -3.62
N LYS A 290 -9.49 6.76 -4.79
CA LYS A 290 -8.66 7.42 -5.79
C LYS A 290 -9.14 8.85 -6.04
N GLU A 291 -10.15 9.28 -5.30
CA GLU A 291 -10.68 10.61 -5.44
C GLU A 291 -11.41 10.98 -4.14
N ALA A 292 -11.62 12.27 -3.91
CA ALA A 292 -12.47 12.68 -2.81
C ALA A 292 -13.72 13.36 -3.34
N GLU A 293 -14.64 13.75 -2.45
CA GLU A 293 -15.88 14.37 -2.88
C GLU A 293 -15.70 15.82 -3.42
N HIS A 294 -16.56 16.20 -4.38
CA HIS A 294 -16.60 17.56 -5.00
C HIS A 294 -17.75 18.26 -4.33
N ILE A 295 -17.58 19.55 -4.06
CA ILE A 295 -18.69 20.35 -3.47
C ILE A 295 -19.98 20.30 -4.26
N ASN A 296 -19.89 20.05 -5.56
CA ASN A 296 -21.07 19.98 -6.44
C ASN A 296 -21.20 18.60 -7.08
N GLY A 297 -20.56 17.61 -6.48
CA GLY A 297 -20.70 16.20 -6.84
C GLY A 297 -21.77 15.57 -5.97
N ASP A 298 -21.38 14.87 -4.91
CA ASP A 298 -22.34 14.33 -3.90
C ASP A 298 -22.29 15.27 -2.71
N ARG A 299 -23.25 16.17 -2.60
CA ARG A 299 -23.12 17.27 -1.67
C ARG A 299 -23.33 16.79 -0.24
N THR A 300 -24.08 15.70 -0.07
CA THR A 300 -24.26 15.12 1.23
C THR A 300 -22.93 14.60 1.78
N LEU A 301 -22.32 13.60 1.14
CA LEU A 301 -21.03 13.08 1.57
C LEU A 301 -20.00 14.18 1.62
N TYR A 302 -20.28 15.29 0.96
CA TYR A 302 -19.28 16.36 1.00
C TYR A 302 -19.21 16.92 2.40
N GLN A 303 -20.31 16.76 3.16
CA GLN A 303 -20.39 17.19 4.56
C GLN A 303 -19.57 16.34 5.56
N PHE A 304 -19.07 15.19 5.07
CA PHE A 304 -18.28 14.25 5.86
C PHE A 304 -16.82 14.31 5.47
N GLY A 305 -16.39 15.40 4.85
CA GLY A 305 -15.07 15.47 4.27
C GLY A 305 -14.06 16.29 5.05
N ALA A 306 -14.24 16.40 6.36
CA ALA A 306 -13.35 17.13 7.25
C ALA A 306 -12.23 16.17 7.76
N THR A 307 -11.39 16.60 8.71
CA THR A 307 -10.32 15.76 9.24
C THR A 307 -10.42 15.36 10.75
N PHE A 308 -10.88 14.14 11.04
CA PHE A 308 -10.98 13.67 12.41
C PHE A 308 -9.78 12.71 12.70
N THR A 309 -8.58 13.25 12.77
CA THR A 309 -7.35 12.45 12.91
C THR A 309 -7.42 11.49 14.12
N GLN A 310 -8.03 11.96 15.20
CA GLN A 310 -8.13 11.14 16.40
C GLN A 310 -8.88 9.84 16.17
N LYS A 311 -9.98 9.87 15.43
CA LYS A 311 -10.78 8.67 15.29
C LYS A 311 -10.00 7.62 14.50
N ALA A 312 -9.19 8.11 13.58
CA ALA A 312 -8.45 7.24 12.71
C ALA A 312 -7.33 6.58 13.52
N LEU A 313 -6.60 7.40 14.28
CA LEU A 313 -5.49 6.93 15.12
C LEU A 313 -6.00 5.87 16.08
N MET A 314 -7.17 6.15 16.65
CA MET A 314 -7.86 5.23 17.51
C MET A 314 -8.17 3.96 16.83
N LYS A 315 -8.56 4.02 15.57
CA LYS A 315 -8.95 2.80 14.87
C LYS A 315 -7.73 1.96 14.55
N ALA A 316 -6.61 2.60 14.22
CA ALA A 316 -5.39 1.86 13.97
C ALA A 316 -4.97 1.15 15.27
N ASN A 317 -4.93 1.89 16.38
CA ASN A 317 -4.66 1.29 17.67
C ASN A 317 -5.55 0.14 18.05
N GLU A 318 -6.84 0.21 17.75
CA GLU A 318 -7.77 -0.83 18.13
C GLU A 318 -7.50 -2.06 17.31
N ILE A 319 -7.06 -1.89 16.07
CA ILE A 319 -6.89 -3.06 15.18
C ILE A 319 -5.65 -3.88 15.65
N LEU A 320 -4.58 -3.16 15.95
CA LEU A 320 -3.36 -3.75 16.41
C LEU A 320 -3.57 -4.42 17.80
N GLU A 321 -4.13 -3.67 18.75
CA GLU A 321 -4.45 -4.15 20.09
C GLU A 321 -5.29 -5.42 20.10
N THR A 322 -6.22 -5.57 19.19
CA THR A 322 -7.05 -6.74 19.29
C THR A 322 -6.71 -7.82 18.29
N GLN A 323 -5.79 -7.57 17.37
CA GLN A 323 -5.62 -8.53 16.25
C GLN A 323 -4.19 -8.96 16.10
N SER A 324 -3.29 -8.11 16.53
CA SER A 324 -1.86 -8.37 16.51
C SER A 324 -1.43 -9.13 17.79
N SER A 325 -0.13 -9.21 18.02
CA SER A 325 0.48 -9.89 19.19
C SER A 325 1.91 -9.42 19.29
N ASN A 326 2.66 -9.88 20.30
CA ASN A 326 4.08 -9.46 20.41
C ASN A 326 4.92 -10.32 19.49
N ALA A 327 4.36 -11.46 19.09
CA ALA A 327 4.94 -12.22 17.99
C ALA A 327 5.30 -11.34 16.79
N ARG A 328 4.54 -10.26 16.57
CA ARG A 328 4.59 -9.50 15.32
C ARG A 328 5.05 -8.09 15.57
N LYS A 329 5.78 -7.54 14.62
CA LYS A 329 6.15 -6.14 14.68
C LYS A 329 5.02 -5.26 14.07
N LYS A 330 4.77 -4.10 14.67
CA LYS A 330 3.54 -3.40 14.34
C LYS A 330 3.90 -2.05 13.82
N LEU A 331 3.41 -1.77 12.61
CA LEU A 331 3.70 -0.51 11.92
C LEU A 331 2.43 0.25 11.52
N ILE A 332 2.48 1.57 11.61
CA ILE A 332 1.43 2.40 11.09
C ILE A 332 1.99 3.47 10.17
N PHE A 333 1.49 3.50 8.93
CA PHE A 333 1.81 4.62 7.98
C PHE A 333 0.59 5.48 7.86
N HIS A 334 0.78 6.78 7.93
CA HIS A 334 -0.33 7.68 7.94
C HIS A 334 -0.10 8.73 6.87
N VAL A 335 -1.02 8.78 5.90
CA VAL A 335 -0.93 9.77 4.82
C VAL A 335 -1.98 10.81 5.05
N THR A 336 -1.60 12.07 5.20
CA THR A 336 -2.58 13.10 5.51
C THR A 336 -2.23 14.43 4.85
N ASP A 337 -3.24 15.28 4.70
CA ASP A 337 -3.12 16.53 3.99
C ASP A 337 -3.58 17.71 4.86
N GLY A 338 -3.81 17.46 6.15
CA GLY A 338 -4.24 18.53 7.03
C GLY A 338 -4.18 18.24 8.52
N VAL A 339 -4.15 19.30 9.33
CA VAL A 339 -4.28 19.17 10.77
C VAL A 339 -5.74 18.85 11.10
N PRO A 340 -6.00 18.15 12.25
CA PRO A 340 -7.35 17.74 12.55
C PRO A 340 -8.26 18.96 12.65
N THR A 341 -9.55 18.78 12.35
CA THR A 341 -10.51 19.86 12.54
C THR A 341 -11.69 19.34 13.31
N MET A 342 -11.56 18.12 13.79
CA MET A 342 -12.51 17.60 14.76
C MET A 342 -11.74 16.80 15.82
N SER A 343 -12.39 16.55 16.94
CA SER A 343 -11.78 15.75 18.00
C SER A 343 -12.77 15.28 19.02
N TYR A 344 -12.37 14.23 19.73
CA TYR A 344 -13.11 13.79 20.91
C TYR A 344 -12.87 14.76 22.04
N ALA A 345 -13.90 15.03 22.83
CA ALA A 345 -13.79 15.85 24.02
C ALA A 345 -13.04 15.18 25.21
N ILE A 346 -12.18 15.95 25.86
CA ILE A 346 -11.68 15.60 27.21
C ILE A 346 -12.85 15.65 28.17
N ASN A 347 -13.03 14.65 29.00
CA ASN A 347 -14.22 14.53 29.86
C ASN A 347 -14.16 15.37 31.16
N PHE A 348 -14.12 16.69 31.00
CA PHE A 348 -14.15 17.61 32.11
C PHE A 348 -15.46 17.45 32.78
N ASN A 349 -15.50 17.59 34.09
CA ASN A 349 -16.71 17.29 34.84
C ASN A 349 -17.19 18.56 35.50
N PRO A 350 -18.38 19.05 35.11
CA PRO A 350 -18.85 20.34 35.60
C PRO A 350 -19.40 20.26 37.03
N TYR A 351 -19.62 19.05 37.55
CA TYR A 351 -20.39 18.84 38.77
C TYR A 351 -19.54 18.53 40.01
N ILE A 352 -18.23 18.45 39.84
CA ILE A 352 -17.32 18.27 40.96
C ILE A 352 -16.65 19.59 41.30
N SER A 353 -16.22 19.76 42.54
CA SER A 353 -15.74 21.02 43.01
C SER A 353 -14.24 21.18 42.93
N THR A 354 -13.69 21.21 41.72
CA THR A 354 -12.33 21.74 41.56
C THR A 354 -12.20 22.39 40.25
N SER A 355 -11.22 23.30 40.17
CA SER A 355 -10.87 24.00 39.01
C SER A 355 -10.66 23.02 37.84
N TYR A 356 -11.06 23.43 36.64
CA TYR A 356 -10.83 22.56 35.48
C TYR A 356 -9.37 22.25 35.29
N GLN A 357 -8.49 23.21 35.65
CA GLN A 357 -7.05 22.94 35.59
C GLN A 357 -6.63 21.78 36.53
N ASN A 358 -7.27 21.68 37.70
CA ASN A 358 -6.93 20.57 38.54
C ASN A 358 -7.42 19.27 37.91
N GLN A 359 -8.65 19.26 37.39
CA GLN A 359 -9.19 18.07 36.73
C GLN A 359 -8.23 17.60 35.63
N PHE A 360 -7.68 18.59 34.93
CA PHE A 360 -6.74 18.35 33.85
C PHE A 360 -5.46 17.71 34.35
N ASN A 361 -4.75 18.42 35.26
CA ASN A 361 -3.56 17.86 35.93
C ASN A 361 -3.81 16.44 36.50
N SER A 362 -4.97 16.25 37.12
CA SER A 362 -5.37 14.92 37.48
C SER A 362 -5.44 13.89 36.35
N PHE A 363 -5.94 14.27 35.16
CA PHE A 363 -6.02 13.30 34.09
C PHE A 363 -4.61 12.90 33.75
N LEU A 364 -3.72 13.87 33.65
CA LEU A 364 -2.32 13.63 33.30
C LEU A 364 -1.58 12.79 34.34
N ASN A 365 -1.78 13.11 35.62
CA ASN A 365 -1.08 12.35 36.67
C ASN A 365 -1.38 10.84 36.69
N LYS A 366 -2.44 10.38 36.02
CA LYS A 366 -2.71 8.97 35.97
C LYS A 366 -1.68 8.26 35.09
N ILE A 367 -0.94 9.02 34.29
CA ILE A 367 -0.01 8.46 33.29
C ILE A 367 1.43 8.62 33.77
N PRO A 368 2.20 7.50 33.78
CA PRO A 368 3.62 7.51 34.20
C PRO A 368 4.32 8.81 33.84
N ASP A 369 4.46 9.10 32.55
CA ASP A 369 5.19 10.33 32.12
C ASP A 369 4.41 11.64 32.20
N ARG A 370 3.16 11.60 32.64
CA ARG A 370 2.31 12.79 32.71
C ARG A 370 2.10 13.55 31.37
N SER A 371 2.24 12.85 30.23
CA SER A 371 2.24 13.51 28.92
C SER A 371 0.91 13.41 28.15
N GLY A 372 -0.07 12.67 28.68
CA GLY A 372 -1.24 12.36 27.91
C GLY A 372 -2.42 12.09 28.80
N ILE A 373 -3.57 11.75 28.21
CA ILE A 373 -4.79 11.48 28.95
C ILE A 373 -5.31 10.13 28.54
N LEU A 374 -5.65 9.29 29.52
CA LEU A 374 -6.21 7.98 29.20
C LEU A 374 -7.54 8.03 28.41
N GLN A 375 -7.81 7.00 27.60
CA GLN A 375 -9.08 6.90 26.91
C GLN A 375 -10.29 7.13 27.82
N GLU A 376 -10.24 6.57 29.03
CA GLU A 376 -11.37 6.63 29.96
C GLU A 376 -11.72 8.06 30.31
N ASP A 377 -10.81 8.98 30.05
CA ASP A 377 -11.08 10.38 30.34
C ASP A 377 -11.45 11.22 29.12
N PHE A 378 -11.72 10.58 27.98
CA PHE A 378 -12.35 11.27 26.87
C PHE A 378 -13.79 10.88 26.82
N ILE A 379 -14.65 11.73 26.27
CA ILE A 379 -16.02 11.30 25.95
C ILE A 379 -16.08 10.47 24.64
N ILE A 380 -16.22 9.16 24.78
CA ILE A 380 -16.21 8.29 23.61
C ILE A 380 -17.54 7.56 23.42
N ASN A 381 -18.14 7.09 24.50
CA ASN A 381 -19.32 6.23 24.46
C ASN A 381 -20.60 7.01 24.12
N GLY A 382 -20.67 7.45 22.87
CA GLY A 382 -21.88 8.07 22.34
C GLY A 382 -21.81 8.10 20.84
N ASP A 383 -22.82 8.67 20.19
CA ASP A 383 -22.78 8.85 18.74
C ASP A 383 -21.96 10.08 18.42
N ASP A 384 -21.08 9.96 17.44
CA ASP A 384 -20.16 11.03 17.14
C ASP A 384 -20.83 12.39 17.06
N TYR A 385 -21.90 12.48 16.28
CA TYR A 385 -22.55 13.77 16.05
C TYR A 385 -23.02 14.41 17.36
N GLN A 386 -23.25 13.60 18.38
CA GLN A 386 -23.67 14.13 19.67
C GLN A 386 -22.50 14.56 20.58
N ILE A 387 -21.35 13.94 20.43
CA ILE A 387 -20.30 14.08 21.40
C ILE A 387 -19.03 14.78 20.91
N VAL A 388 -18.70 14.70 19.61
CA VAL A 388 -17.42 15.25 19.19
C VAL A 388 -17.39 16.76 19.22
N LYS A 389 -16.18 17.30 19.06
CA LYS A 389 -15.93 18.73 19.01
C LYS A 389 -15.44 19.04 17.61
N GLY A 390 -15.82 20.20 17.08
CA GLY A 390 -15.48 20.54 15.70
C GLY A 390 -16.43 19.95 14.64
N ASP A 391 -16.34 20.52 13.43
CA ASP A 391 -17.21 20.11 12.34
C ASP A 391 -16.54 20.39 11.03
N GLY A 392 -15.24 20.68 11.07
CA GLY A 392 -14.47 20.73 9.84
C GLY A 392 -14.07 22.15 9.64
N GLU A 393 -14.70 23.06 10.38
CA GLU A 393 -14.44 24.47 10.26
C GLU A 393 -13.02 24.85 10.50
N SER A 394 -12.45 24.51 11.66
CA SER A 394 -11.09 24.99 11.97
C SER A 394 -10.31 24.02 12.85
N PHE A 395 -8.99 24.20 12.87
CA PHE A 395 -8.11 23.59 13.86
C PHE A 395 -8.35 24.23 15.20
N LYS A 396 -8.85 25.46 15.18
CA LYS A 396 -9.04 26.21 16.39
C LYS A 396 -10.44 25.99 16.84
N LEU A 397 -10.68 26.02 18.15
CA LEU A 397 -12.03 26.16 18.68
C LEU A 397 -12.19 27.66 18.92
N PHE A 398 -13.40 28.15 19.14
CA PHE A 398 -13.59 29.58 19.11
C PHE A 398 -13.80 30.17 20.48
N SER A 399 -12.95 31.14 20.85
CA SER A 399 -13.20 32.05 22.02
C SER A 399 -14.43 32.91 21.84
N ASP A 400 -14.43 33.67 20.74
CA ASP A 400 -15.58 34.52 20.34
C ASP A 400 -16.62 33.62 19.69
N ARG A 401 -17.81 33.61 20.27
CA ARG A 401 -18.82 32.66 19.87
C ARG A 401 -19.66 33.16 18.70
N LYS A 402 -19.37 34.39 18.27
CA LYS A 402 -20.06 35.07 17.15
C LYS A 402 -19.37 34.79 15.82
N VAL A 403 -20.13 34.23 14.87
CA VAL A 403 -19.64 34.09 13.48
C VAL A 403 -19.33 35.44 12.83
N PRO A 404 -18.05 35.68 12.44
CA PRO A 404 -17.76 36.95 11.82
C PRO A 404 -18.13 36.96 10.33
N VAL A 405 -18.20 38.14 9.72
CA VAL A 405 -18.35 38.21 8.28
C VAL A 405 -17.04 37.79 7.58
N THR A 406 -17.19 36.90 6.58
CA THR A 406 -16.12 36.51 5.66
C THR A 406 -15.21 37.71 5.39
N GLY A 407 -13.92 37.56 5.68
CA GLY A 407 -12.94 38.65 5.56
C GLY A 407 -13.43 39.96 6.18
N GLY A 408 -13.90 39.87 7.42
CA GLY A 408 -14.43 41.04 8.12
C GLY A 408 -14.47 40.82 9.63
N THR A 409 -15.06 41.80 10.31
CA THR A 409 -15.05 41.82 11.75
C THR A 409 -16.45 41.66 12.34
N THR A 410 -17.45 42.31 11.73
CA THR A 410 -18.80 42.34 12.32
C THR A 410 -19.48 40.97 12.26
N GLN A 411 -20.45 40.77 13.14
CA GLN A 411 -21.19 39.51 13.19
C GLN A 411 -22.08 39.22 11.96
N ALA A 412 -21.81 38.11 11.29
CA ALA A 412 -22.65 37.61 10.21
C ALA A 412 -24.07 37.39 10.64
N ALA A 413 -25.00 37.62 9.72
CA ALA A 413 -26.45 37.51 9.99
C ALA A 413 -27.12 36.82 8.82
N TYR A 414 -28.19 36.09 9.10
CA TYR A 414 -28.88 35.31 8.10
C TYR A 414 -30.22 35.94 7.73
N ARG A 415 -30.35 36.41 6.48
CA ARG A 415 -31.63 36.96 6.00
C ARG A 415 -32.63 35.81 5.89
N VAL A 416 -33.63 35.80 6.74
CA VAL A 416 -34.69 34.82 6.63
C VAL A 416 -35.51 35.08 5.35
N PRO A 417 -35.68 34.06 4.48
CA PRO A 417 -36.71 34.04 3.45
C PRO A 417 -38.12 34.38 3.99
N GLN A 418 -38.84 35.26 3.27
CA GLN A 418 -40.15 35.76 3.73
C GLN A 418 -41.12 34.62 3.99
N ASN A 419 -41.09 33.59 3.14
CA ASN A 419 -42.02 32.47 3.33
C ASN A 419 -41.65 31.57 4.49
N GLN A 420 -40.65 31.98 5.27
CA GLN A 420 -40.25 31.20 6.44
C GLN A 420 -40.18 31.99 7.76
N LEU A 421 -40.41 33.30 7.67
CA LEU A 421 -40.50 34.17 8.85
C LEU A 421 -41.49 33.66 9.88
N SER A 422 -42.70 33.33 9.43
CA SER A 422 -43.73 32.87 10.36
C SER A 422 -43.31 31.61 11.11
N VAL A 423 -42.77 30.64 10.37
CA VAL A 423 -42.39 29.33 10.88
C VAL A 423 -41.19 29.31 11.85
N MET A 424 -40.20 30.16 11.59
CA MET A 424 -39.02 30.20 12.45
C MET A 424 -39.31 30.95 13.75
N SER A 425 -40.12 32.01 13.62
CA SER A 425 -40.72 32.71 14.76
C SER A 425 -41.48 31.79 15.71
N ASN A 426 -42.41 31.01 15.17
CA ASN A 426 -43.16 30.02 15.96
C ASN A 426 -42.29 28.94 16.54
N GLU A 427 -41.18 28.63 15.84
CA GLU A 427 -40.29 27.56 16.28
C GLU A 427 -39.41 28.00 17.45
N GLY A 428 -39.14 29.31 17.50
CA GLY A 428 -38.47 29.96 18.61
C GLY A 428 -37.16 30.65 18.25
N TYR A 429 -36.92 30.91 16.96
CA TYR A 429 -35.64 31.48 16.58
C TYR A 429 -35.59 32.91 17.03
N ALA A 430 -34.40 33.40 17.37
CA ALA A 430 -34.21 34.80 17.75
C ALA A 430 -33.98 35.66 16.52
N ILE A 431 -35.10 36.19 16.00
CA ILE A 431 -35.14 36.98 14.75
C ILE A 431 -35.22 38.47 15.09
N ASN A 432 -34.24 39.24 14.60
CA ASN A 432 -34.18 40.67 14.81
C ASN A 432 -34.43 41.40 13.49
N SER A 433 -35.71 41.77 13.30
CA SER A 433 -36.27 42.40 12.09
C SER A 433 -35.77 41.75 10.78
N GLY A 434 -36.31 40.54 10.56
CA GLY A 434 -35.97 39.70 9.40
C GLY A 434 -34.68 38.90 9.40
N TYR A 435 -33.72 39.28 10.26
CA TYR A 435 -32.39 38.65 10.32
C TYR A 435 -32.19 37.81 11.60
N ILE A 436 -31.47 36.68 11.46
CA ILE A 436 -31.01 35.90 12.61
C ILE A 436 -29.51 36.12 12.78
N TYR A 437 -29.09 36.59 13.96
CA TYR A 437 -27.64 36.77 14.17
C TYR A 437 -26.96 35.46 14.52
N LEU A 438 -25.82 35.20 13.89
CA LEU A 438 -25.25 33.84 13.89
C LEU A 438 -24.11 33.59 14.87
N TYR A 439 -24.32 32.55 15.68
CA TYR A 439 -23.29 32.02 16.57
C TYR A 439 -22.88 30.63 16.15
N TRP A 440 -21.60 30.34 16.33
CA TRP A 440 -21.09 28.99 16.28
C TRP A 440 -21.86 28.10 17.21
N ARG A 441 -22.06 26.87 16.80
CA ARG A 441 -22.70 25.94 17.71
C ARG A 441 -21.70 25.56 18.78
N ASP A 442 -22.22 25.17 19.95
CA ASP A 442 -21.35 25.04 21.12
C ASP A 442 -20.21 24.03 20.94
N TYR A 443 -20.39 23.04 20.06
CA TYR A 443 -19.36 22.05 19.75
C TYR A 443 -18.13 22.66 19.10
N ASN A 444 -18.19 23.96 18.79
CA ASN A 444 -17.06 24.65 18.18
C ASN A 444 -16.50 25.73 19.09
N TRP A 445 -17.13 25.88 20.26
CA TRP A 445 -16.63 26.80 21.27
C TRP A 445 -15.40 26.26 21.95
N VAL A 446 -14.60 27.20 22.48
CA VAL A 446 -13.56 26.86 23.44
C VAL A 446 -14.26 26.19 24.63
N TYR A 447 -13.65 25.16 25.17
CA TYR A 447 -14.27 24.46 26.29
C TYR A 447 -13.23 24.07 27.36
N PRO A 448 -13.69 23.67 28.55
CA PRO A 448 -15.07 23.50 29.00
C PRO A 448 -15.80 24.83 29.27
N PHE A 449 -17.13 24.78 29.32
CA PHE A 449 -17.95 25.96 29.61
C PHE A 449 -19.08 25.45 30.47
N ASP A 450 -19.73 26.29 31.24
CA ASP A 450 -20.74 25.76 32.13
C ASP A 450 -22.04 25.40 31.38
N PRO A 451 -22.50 24.17 31.48
CA PRO A 451 -23.73 23.76 30.78
C PRO A 451 -24.99 24.62 31.05
N LYS A 452 -25.10 25.18 32.25
CA LYS A 452 -26.24 25.99 32.65
C LYS A 452 -26.03 27.46 32.20
N THR A 453 -24.90 28.06 32.56
CA THR A 453 -24.70 29.51 32.46
C THR A 453 -23.93 29.85 31.20
N LYS A 454 -23.42 28.82 30.53
CA LYS A 454 -22.58 28.94 29.34
C LYS A 454 -21.26 29.65 29.58
N LYS A 455 -20.94 29.95 30.82
CA LYS A 455 -19.68 30.67 31.13
C LYS A 455 -18.42 29.79 30.82
N VAL A 456 -17.45 30.34 30.11
CA VAL A 456 -16.26 29.58 29.78
C VAL A 456 -15.46 29.29 31.07
N SER A 457 -14.68 28.20 31.06
CA SER A 457 -13.74 27.86 32.12
C SER A 457 -12.91 29.08 32.57
N ALA A 458 -12.75 29.26 33.89
CA ALA A 458 -11.85 30.34 34.39
C ALA A 458 -10.42 29.88 34.46
N THR A 459 -10.18 28.61 34.18
CA THR A 459 -8.82 28.08 34.22
C THR A 459 -8.35 27.47 32.92
N LYS A 460 -8.21 26.14 32.88
CA LYS A 460 -7.80 25.41 31.67
C LYS A 460 -8.84 25.55 30.55
N GLN A 461 -8.35 25.67 29.33
CA GLN A 461 -9.21 25.83 28.16
C GLN A 461 -8.64 25.05 27.02
N ILE A 462 -9.44 24.22 26.38
CA ILE A 462 -8.99 23.55 25.16
C ILE A 462 -9.31 24.47 23.96
N LYS A 463 -8.30 24.86 23.22
CA LYS A 463 -8.44 25.89 22.23
C LYS A 463 -8.17 25.34 20.81
N THR A 464 -7.81 24.07 20.69
CA THR A 464 -7.45 23.51 19.40
C THR A 464 -7.82 22.04 19.42
N HIS A 465 -7.83 21.40 18.25
CA HIS A 465 -8.09 20.01 18.14
C HIS A 465 -6.78 19.20 18.23
N GLY A 466 -5.64 19.85 17.98
CA GLY A 466 -4.36 19.17 18.13
C GLY A 466 -4.07 18.78 19.58
N GLU A 467 -4.30 19.72 20.50
CA GLU A 467 -4.08 19.40 21.89
C GLU A 467 -4.73 18.04 22.33
N PRO A 468 -6.07 17.92 22.28
CA PRO A 468 -6.68 16.68 22.74
C PRO A 468 -6.22 15.47 21.94
N THR A 469 -6.04 15.60 20.63
CA THR A 469 -5.54 14.50 19.81
C THR A 469 -4.15 14.07 20.26
N THR A 470 -3.23 15.01 20.45
CA THR A 470 -1.93 14.66 21.02
C THR A 470 -1.98 14.01 22.43
N LEU A 471 -2.78 14.57 23.33
CA LEU A 471 -3.02 13.96 24.62
C LEU A 471 -3.51 12.51 24.49
N TYR A 472 -4.50 12.24 23.62
CA TYR A 472 -4.96 10.87 23.46
C TYR A 472 -3.82 9.98 22.99
N PHE A 473 -3.01 10.52 22.07
CA PHE A 473 -1.98 9.75 21.41
C PHE A 473 -0.92 9.34 22.44
N ASN A 474 -0.37 10.34 23.12
CA ASN A 474 0.55 10.11 24.23
C ASN A 474 0.00 9.17 25.30
N GLY A 475 -1.27 9.34 25.61
CA GLY A 475 -1.85 8.58 26.66
C GLY A 475 -2.11 7.14 26.32
N ASN A 476 -2.39 6.83 25.05
CA ASN A 476 -2.93 5.53 24.71
C ASN A 476 -2.21 4.84 23.53
N ILE A 477 -1.32 5.54 22.85
CA ILE A 477 -0.72 4.95 21.68
C ILE A 477 0.80 4.93 21.78
N ARG A 478 1.44 6.07 22.07
CA ARG A 478 2.88 6.07 22.35
C ARG A 478 3.29 4.84 23.20
N PRO A 479 2.64 4.62 24.37
CA PRO A 479 3.01 3.47 25.23
C PRO A 479 3.28 2.14 24.52
N LYS A 480 2.50 1.82 23.47
CA LYS A 480 2.51 0.51 22.85
C LYS A 480 3.75 0.26 22.02
N GLY A 481 4.55 1.30 21.79
CA GLY A 481 5.76 1.18 20.97
C GLY A 481 5.67 0.84 19.47
N TYR A 482 4.48 0.90 18.85
CA TYR A 482 4.32 0.81 17.37
C TYR A 482 5.27 1.74 16.63
N ASP A 483 5.80 1.32 15.49
CA ASP A 483 6.53 2.27 14.60
C ASP A 483 5.52 3.08 13.75
N ILE A 484 5.59 4.41 13.85
CA ILE A 484 4.53 5.24 13.30
C ILE A 484 5.12 6.30 12.42
N PHE A 485 4.88 6.15 11.11
CA PHE A 485 5.39 7.06 10.07
C PHE A 485 4.28 7.96 9.51
N THR A 486 4.54 9.21 9.27
CA THR A 486 3.49 10.12 8.83
C THR A 486 3.95 10.93 7.64
N VAL A 487 3.30 10.74 6.50
CA VAL A 487 3.66 11.51 5.29
C VAL A 487 2.60 12.53 5.02
N GLY A 488 2.93 13.78 5.23
CA GLY A 488 1.99 14.85 4.95
C GLY A 488 2.14 15.32 3.52
N ILE A 489 1.05 15.87 2.98
CA ILE A 489 0.98 16.32 1.61
C ILE A 489 0.69 17.80 1.64
N GLY A 490 1.75 18.57 1.55
CA GLY A 490 1.65 20.01 1.46
C GLY A 490 0.94 20.54 2.67
N VAL A 491 1.23 19.94 3.84
CA VAL A 491 0.60 20.35 5.09
C VAL A 491 1.03 21.78 5.40
N ASN A 492 0.10 22.65 5.74
CA ASN A 492 0.50 24.01 6.07
C ASN A 492 -0.33 24.67 7.15
N GLY A 493 -1.31 23.96 7.69
CA GLY A 493 -2.02 24.47 8.83
C GLY A 493 -3.42 24.94 8.56
N ASP A 494 -3.78 25.08 7.28
CA ASP A 494 -5.14 25.49 6.88
C ASP A 494 -6.09 24.39 7.31
N PRO A 495 -7.25 24.72 7.89
CA PRO A 495 -7.63 26.04 8.38
C PRO A 495 -7.29 26.27 9.85
N GLY A 496 -6.59 27.36 10.18
CA GLY A 496 -6.55 27.83 11.56
C GLY A 496 -5.28 27.59 12.36
N ALA A 497 -4.40 26.72 11.84
CA ALA A 497 -3.08 26.55 12.41
C ALA A 497 -2.04 27.26 11.56
N THR A 498 -0.90 27.62 12.16
CA THR A 498 0.25 28.12 11.44
C THR A 498 1.05 26.93 10.95
N PRO A 499 1.94 27.15 9.97
CA PRO A 499 2.68 26.01 9.45
C PRO A 499 3.51 25.33 10.53
N LEU A 500 4.04 26.13 11.45
CA LEU A 500 4.83 25.63 12.55
C LEU A 500 3.99 24.77 13.51
N GLU A 501 2.88 25.34 14.02
CA GLU A 501 1.85 24.58 14.78
C GLU A 501 1.55 23.22 14.13
N ALA A 502 1.46 23.20 12.80
CA ALA A 502 1.08 22.01 12.05
C ALA A 502 2.16 20.98 11.99
N GLU A 503 3.41 21.41 11.81
CA GLU A 503 4.54 20.49 11.79
C GLU A 503 4.72 19.80 13.14
N LYS A 504 4.68 20.60 14.21
CA LYS A 504 4.67 20.10 15.58
C LYS A 504 3.59 19.05 15.85
N PHE A 505 2.34 19.36 15.43
CA PHE A 505 1.28 18.41 15.59
C PHE A 505 1.62 17.11 14.85
N MET A 506 2.06 17.23 13.60
CA MET A 506 2.29 16.00 12.89
C MET A 506 3.43 15.19 13.46
N GLN A 507 4.46 15.86 13.95
CA GLN A 507 5.55 15.16 14.66
C GLN A 507 5.01 14.47 15.91
N SER A 508 4.18 15.20 16.65
CA SER A 508 3.57 14.67 17.84
C SER A 508 2.75 13.41 17.63
N ILE A 509 2.29 13.14 16.41
CA ILE A 509 1.57 11.89 16.21
C ILE A 509 2.37 10.84 15.41
N SER A 510 3.67 11.09 15.27
CA SER A 510 4.58 10.06 14.78
C SER A 510 5.45 9.46 15.91
N SER A 511 5.98 8.25 15.71
CA SER A 511 6.91 7.56 16.62
C SER A 511 8.14 8.34 17.08
N LYS A 512 8.72 9.14 16.18
CA LYS A 512 9.88 9.98 16.48
C LYS A 512 9.63 11.26 15.73
N THR A 513 10.34 12.32 16.04
CA THR A 513 10.27 13.56 15.29
C THR A 513 10.65 13.40 13.82
N GLU A 514 11.54 12.47 13.54
CA GLU A 514 12.08 12.29 12.20
C GLU A 514 11.14 11.39 11.40
N ASN A 515 10.10 10.89 12.06
CA ASN A 515 9.17 9.99 11.40
C ASN A 515 7.98 10.67 10.68
N TYR A 516 8.07 12.00 10.55
CA TYR A 516 7.12 12.76 9.79
C TYR A 516 7.84 13.53 8.67
N THR A 517 7.35 13.39 7.43
CA THR A 517 7.87 14.17 6.32
C THR A 517 6.73 14.83 5.52
N ASN A 518 6.84 16.13 5.35
CA ASN A 518 5.88 16.91 4.59
C ASN A 518 6.43 17.14 3.18
N VAL A 519 5.79 16.52 2.19
CA VAL A 519 6.20 16.69 0.79
C VAL A 519 5.57 17.91 0.13
N ASP A 520 6.32 18.55 -0.77
CA ASP A 520 5.86 19.72 -1.52
C ASP A 520 5.34 19.35 -2.92
N ASP A 521 5.34 18.05 -3.22
CA ASP A 521 5.03 17.57 -4.55
C ASP A 521 4.52 16.15 -4.45
N THR A 522 3.35 15.89 -5.00
CA THR A 522 2.67 14.64 -4.75
C THR A 522 3.29 13.41 -5.45
N ASN A 523 4.37 13.60 -6.20
CA ASN A 523 5.12 12.44 -6.78
C ASN A 523 6.19 11.87 -5.86
N LYS A 524 6.40 12.58 -4.77
CA LYS A 524 7.36 12.19 -3.77
C LYS A 524 6.67 11.37 -2.68
N ILE A 525 5.33 11.39 -2.65
CA ILE A 525 4.59 10.68 -1.62
C ILE A 525 5.11 9.25 -1.50
N TYR A 526 5.36 8.58 -2.62
CA TYR A 526 5.74 7.20 -2.50
C TYR A 526 7.20 7.00 -2.07
N ASP A 527 8.06 7.90 -2.52
CA ASP A 527 9.46 7.82 -2.15
C ASP A 527 9.49 7.86 -0.67
N GLU A 528 8.85 8.87 -0.10
CA GLU A 528 8.76 9.04 1.33
C GLU A 528 8.20 7.84 2.09
N LEU A 529 7.12 7.24 1.62
CA LEU A 529 6.62 6.04 2.29
C LEU A 529 7.62 4.92 2.21
N ASN A 530 8.34 4.85 1.10
CA ASN A 530 9.33 3.81 0.87
C ASN A 530 10.60 3.98 1.71
N LYS A 531 11.09 5.21 1.87
CA LYS A 531 12.21 5.45 2.76
C LYS A 531 11.91 4.81 4.13
N TYR A 532 10.82 5.27 4.75
CA TYR A 532 10.38 4.79 6.04
C TYR A 532 10.24 3.29 6.09
N PHE A 533 9.66 2.69 5.07
CA PHE A 533 9.49 1.25 5.12
C PHE A 533 10.87 0.54 5.11
N LYS A 534 11.85 1.23 4.55
CA LYS A 534 13.18 0.69 4.26
C LYS A 534 14.01 0.62 5.53
N THR A 535 13.88 1.66 6.36
CA THR A 535 14.07 1.62 7.82
C THR A 535 13.74 0.28 8.49
N ILE A 536 12.69 -0.40 8.08
CA ILE A 536 12.27 -1.63 8.75
C ILE A 536 12.63 -2.87 7.97
N VAL A 537 12.71 -2.77 6.65
CA VAL A 537 12.94 -3.96 5.83
C VAL A 537 14.04 -3.74 4.83
N GLU A 538 14.56 -4.86 4.33
CA GLU A 538 15.60 -4.93 3.33
C GLU A 538 15.05 -5.73 2.13
N GLU A 539 15.31 -5.20 0.93
CA GLU A 539 14.89 -5.89 -0.29
C GLU A 539 15.91 -6.93 -0.74
N LYS A 540 15.43 -8.15 -0.96
CA LYS A 540 16.29 -9.26 -1.28
C LYS A 540 15.84 -9.96 -2.56
N HIS A 541 16.66 -9.88 -3.61
CA HIS A 541 16.39 -10.59 -4.86
C HIS A 541 16.69 -12.05 -4.66
N SER A 542 15.89 -12.93 -5.21
CA SER A 542 16.12 -14.35 -5.04
C SER A 542 17.28 -15.01 -5.82
N ILE A 543 17.93 -14.30 -6.73
CA ILE A 543 18.97 -14.91 -7.56
C ILE A 543 20.19 -14.02 -7.58
N VAL A 544 21.19 -14.37 -6.79
CA VAL A 544 22.33 -13.51 -6.63
C VAL A 544 23.51 -14.31 -7.02
N ASP A 545 24.30 -13.72 -7.91
CA ASP A 545 25.31 -14.44 -8.66
C ASP A 545 24.98 -15.91 -8.97
N GLY A 546 23.85 -16.17 -9.64
CA GLY A 546 23.42 -17.54 -9.93
C GLY A 546 24.00 -18.13 -11.20
N ASN A 547 23.94 -19.45 -11.34
CA ASN A 547 24.61 -20.17 -12.42
C ASN A 547 23.68 -21.20 -13.00
N VAL A 548 23.62 -21.30 -14.32
CA VAL A 548 22.87 -22.40 -14.95
C VAL A 548 23.86 -23.38 -15.58
N THR A 549 23.57 -24.67 -15.49
CA THR A 549 24.48 -25.66 -16.00
C THR A 549 23.65 -26.56 -16.87
N ASP A 550 24.01 -26.64 -18.14
CA ASP A 550 23.19 -27.29 -19.14
C ASP A 550 24.05 -28.22 -19.97
N PRO A 551 24.26 -29.46 -19.50
CA PRO A 551 25.08 -30.39 -20.25
C PRO A 551 24.26 -31.15 -21.28
N MET A 552 24.82 -31.40 -22.45
CA MET A 552 24.10 -32.13 -23.47
C MET A 552 23.94 -33.61 -23.08
N GLY A 553 22.77 -34.16 -23.40
CA GLY A 553 22.49 -35.59 -23.17
C GLY A 553 23.33 -36.50 -24.05
N GLU A 554 23.44 -37.77 -23.67
CA GLU A 554 24.41 -38.67 -24.32
C GLU A 554 24.31 -38.75 -25.85
N MET A 555 23.09 -38.75 -26.38
CA MET A 555 22.94 -38.83 -27.81
C MET A 555 22.78 -37.46 -28.48
N ILE A 556 23.26 -36.41 -27.81
CA ILE A 556 23.00 -35.06 -28.29
C ILE A 556 24.28 -34.33 -28.64
N GLU A 557 24.20 -33.62 -29.77
CA GLU A 557 25.29 -32.85 -30.33
C GLU A 557 24.86 -31.39 -30.24
N PHE A 558 25.64 -30.58 -29.53
CA PHE A 558 25.41 -29.16 -29.51
C PHE A 558 25.77 -28.69 -30.91
N GLN A 559 24.99 -27.78 -31.48
CA GLN A 559 25.28 -27.29 -32.84
C GLN A 559 26.20 -26.12 -32.82
N LEU A 560 27.29 -26.26 -33.53
CA LEU A 560 28.22 -25.18 -33.71
C LEU A 560 28.13 -24.75 -35.18
N LYS A 561 28.09 -23.45 -35.44
CA LYS A 561 27.88 -22.97 -36.80
C LYS A 561 29.00 -23.39 -37.75
N ASN A 562 30.23 -23.58 -37.25
CA ASN A 562 31.34 -24.03 -38.10
C ASN A 562 31.74 -25.45 -37.80
N GLY A 563 30.96 -26.15 -36.99
CA GLY A 563 31.27 -27.53 -36.60
C GLY A 563 32.46 -27.76 -35.66
N GLN A 564 33.27 -26.71 -35.41
CA GLN A 564 34.49 -26.86 -34.65
C GLN A 564 34.58 -26.03 -33.34
N SER A 565 34.35 -24.70 -33.41
CA SER A 565 34.54 -23.80 -32.28
C SER A 565 33.23 -23.28 -31.75
N PHE A 566 33.12 -23.08 -30.44
CA PHE A 566 31.92 -22.45 -29.87
C PHE A 566 32.06 -20.94 -29.98
N THR A 567 31.08 -20.23 -30.51
CA THR A 567 31.22 -18.79 -30.72
C THR A 567 30.00 -18.15 -30.14
N HIS A 568 30.00 -16.82 -30.07
CA HIS A 568 28.82 -16.07 -29.65
C HIS A 568 27.68 -16.17 -30.65
N ASP A 569 27.93 -16.72 -31.84
CA ASP A 569 26.86 -16.86 -32.82
C ASP A 569 26.08 -18.16 -32.59
N ASP A 570 26.53 -18.96 -31.66
CA ASP A 570 25.95 -20.25 -31.42
C ASP A 570 24.92 -20.36 -30.30
N TYR A 571 24.56 -19.23 -29.67
CA TYR A 571 23.45 -19.18 -28.72
C TYR A 571 22.93 -17.76 -28.77
N VAL A 572 21.73 -17.54 -28.23
CA VAL A 572 21.19 -16.17 -28.10
C VAL A 572 20.78 -16.01 -26.64
N LEU A 573 21.24 -14.96 -25.98
CA LEU A 573 20.75 -14.70 -24.65
C LEU A 573 20.14 -13.30 -24.60
N VAL A 574 18.87 -13.23 -24.18
CA VAL A 574 18.20 -11.93 -24.05
C VAL A 574 17.48 -11.79 -22.71
N GLY A 575 17.35 -10.56 -22.23
CA GLY A 575 16.56 -10.28 -21.03
C GLY A 575 15.23 -9.60 -21.33
N ASN A 576 14.23 -9.82 -20.46
CA ASN A 576 12.91 -9.23 -20.68
C ASN A 576 12.88 -7.70 -20.49
N ASP A 577 14.02 -7.11 -20.13
CA ASP A 577 14.14 -5.66 -20.14
C ASP A 577 14.75 -5.18 -21.50
N GLY A 578 14.70 -6.04 -22.51
CA GLY A 578 15.18 -5.73 -23.86
C GLY A 578 16.69 -5.48 -23.96
N SER A 579 17.47 -6.31 -23.25
CA SER A 579 18.94 -6.27 -23.34
C SER A 579 19.35 -7.62 -23.93
N GLN A 580 20.58 -7.70 -24.43
CA GLN A 580 21.06 -8.91 -25.04
C GLN A 580 22.55 -9.00 -24.90
N LEU A 581 23.05 -10.23 -24.95
CA LEU A 581 24.47 -10.44 -25.09
C LEU A 581 24.79 -10.38 -26.57
N LYS A 582 25.60 -9.39 -26.91
CA LYS A 582 26.10 -9.20 -28.25
C LYS A 582 27.61 -9.34 -28.20
N ASN A 583 28.09 -10.46 -28.71
CA ASN A 583 29.50 -10.73 -28.75
C ASN A 583 30.09 -10.85 -27.35
N GLY A 584 29.30 -11.45 -26.47
CA GLY A 584 29.68 -11.67 -25.07
C GLY A 584 29.68 -10.42 -24.21
N VAL A 585 29.13 -9.33 -24.74
CA VAL A 585 28.98 -8.11 -23.97
C VAL A 585 27.51 -7.72 -23.93
N ALA A 586 27.00 -7.45 -22.73
CA ALA A 586 25.63 -6.98 -22.60
C ALA A 586 25.47 -5.57 -23.14
N LEU A 587 24.40 -5.40 -23.91
CA LEU A 587 24.03 -4.07 -24.30
C LEU A 587 22.51 -3.97 -24.22
N GLY A 588 22.00 -2.74 -24.15
CA GLY A 588 20.55 -2.52 -24.06
C GLY A 588 20.05 -2.31 -22.65
N GLY A 589 18.73 -2.51 -22.48
CA GLY A 589 18.00 -2.13 -21.28
C GLY A 589 17.87 -0.61 -21.06
N PRO A 590 16.97 -0.20 -20.16
CA PRO A 590 16.65 1.22 -19.95
C PRO A 590 17.84 2.18 -19.87
N ASN A 591 18.94 1.80 -19.22
CA ASN A 591 20.06 2.73 -19.07
C ASN A 591 21.21 2.53 -20.01
N SER A 592 20.99 1.79 -21.09
CA SER A 592 22.04 1.55 -22.10
C SER A 592 23.34 1.03 -21.45
N ASP A 593 23.17 0.01 -20.64
CA ASP A 593 24.23 -0.46 -19.77
C ASP A 593 24.23 -1.96 -19.76
N GLY A 594 23.22 -2.58 -20.37
CA GLY A 594 23.15 -4.03 -20.48
C GLY A 594 22.09 -4.64 -19.61
N GLY A 595 21.59 -3.79 -18.69
CA GLY A 595 20.51 -4.15 -17.75
C GLY A 595 20.75 -5.43 -16.99
N ILE A 596 19.64 -6.10 -16.69
CA ILE A 596 19.55 -7.48 -16.26
C ILE A 596 20.77 -8.37 -16.66
N LEU A 597 21.44 -8.08 -17.80
CA LEU A 597 22.52 -8.94 -18.30
C LEU A 597 23.92 -8.39 -18.17
N LYS A 598 24.08 -7.22 -17.54
CA LYS A 598 25.40 -6.68 -17.15
C LYS A 598 26.30 -7.74 -16.45
N ASP A 599 27.46 -8.02 -17.02
CA ASP A 599 28.41 -9.04 -16.54
C ASP A 599 27.94 -10.51 -16.55
N VAL A 600 26.74 -10.77 -17.03
CA VAL A 600 26.35 -12.15 -17.31
C VAL A 600 27.22 -12.68 -18.44
N THR A 601 27.58 -13.96 -18.41
CA THR A 601 28.34 -14.57 -19.47
C THR A 601 27.78 -15.93 -19.80
N VAL A 602 28.01 -16.41 -21.04
CA VAL A 602 27.62 -17.74 -21.49
C VAL A 602 28.90 -18.40 -21.93
N THR A 603 29.20 -19.58 -21.39
CA THR A 603 30.48 -20.22 -21.64
C THR A 603 30.17 -21.63 -22.01
N TYR A 604 31.15 -22.31 -22.59
CA TYR A 604 30.90 -23.65 -23.02
C TYR A 604 32.11 -24.52 -22.76
N ASP A 605 31.87 -25.75 -22.35
CA ASP A 605 32.95 -26.71 -22.21
C ASP A 605 32.85 -27.77 -23.29
N LYS A 606 33.82 -27.77 -24.21
CA LYS A 606 33.77 -28.63 -25.39
C LYS A 606 33.68 -30.12 -25.02
N THR A 607 34.53 -30.58 -24.10
CA THR A 607 34.52 -31.97 -23.61
C THR A 607 33.11 -32.42 -23.19
N SER A 608 32.59 -31.87 -22.08
CA SER A 608 31.31 -32.34 -21.52
C SER A 608 30.12 -31.90 -22.34
N GLN A 609 30.38 -31.03 -23.31
CA GLN A 609 29.33 -30.43 -24.10
C GLN A 609 28.35 -29.70 -23.18
N THR A 610 28.82 -28.77 -22.37
CA THR A 610 27.95 -28.12 -21.40
C THR A 610 27.94 -26.65 -21.62
N ILE A 611 26.74 -26.09 -21.75
CA ILE A 611 26.58 -24.66 -21.92
C ILE A 611 26.23 -24.06 -20.57
N LYS A 612 26.83 -22.94 -20.21
CA LYS A 612 26.59 -22.39 -18.88
C LYS A 612 26.29 -20.91 -18.89
N ILE A 613 25.32 -20.50 -18.07
CA ILE A 613 25.09 -19.08 -17.82
C ILE A 613 25.67 -18.76 -16.45
N ASN A 614 26.50 -17.72 -16.40
CA ASN A 614 27.19 -17.34 -15.18
C ASN A 614 26.83 -15.95 -14.75
N HIS A 615 26.67 -15.76 -13.45
CA HIS A 615 26.49 -14.43 -12.84
C HIS A 615 25.10 -13.82 -12.97
N LEU A 616 24.08 -14.64 -12.87
CA LEU A 616 22.75 -14.09 -12.97
C LEU A 616 22.42 -13.31 -11.70
N ASN A 617 21.80 -12.14 -11.86
CA ASN A 617 21.24 -11.38 -10.74
C ASN A 617 19.84 -10.96 -11.09
N LEU A 618 18.87 -11.77 -10.69
CA LEU A 618 17.53 -11.53 -11.14
C LEU A 618 16.60 -11.30 -9.98
N GLY A 619 16.01 -10.10 -9.94
CA GLY A 619 14.93 -9.75 -9.01
C GLY A 619 13.51 -10.18 -9.42
N SER A 620 12.54 -9.30 -9.12
CA SER A 620 11.13 -9.57 -9.38
C SER A 620 10.80 -9.18 -10.81
N GLY A 621 10.21 -10.11 -11.56
CA GLY A 621 9.88 -9.85 -12.95
C GLY A 621 11.08 -9.54 -13.83
N GLN A 622 12.23 -10.15 -13.51
CA GLN A 622 13.41 -10.08 -14.35
C GLN A 622 13.62 -11.51 -14.86
N LYS A 623 13.74 -11.65 -16.17
CA LYS A 623 13.71 -12.96 -16.86
C LYS A 623 14.76 -12.95 -17.95
N VAL A 624 15.41 -14.09 -18.14
CA VAL A 624 16.44 -14.22 -19.17
C VAL A 624 16.11 -15.46 -20.01
N VAL A 625 16.41 -15.37 -21.31
CA VAL A 625 16.01 -16.45 -22.18
C VAL A 625 17.21 -16.84 -22.97
N LEU A 626 17.55 -18.12 -22.91
CA LEU A 626 18.69 -18.68 -23.65
C LEU A 626 18.13 -19.59 -24.70
N THR A 627 18.49 -19.34 -25.96
CA THR A 627 18.23 -20.31 -27.05
C THR A 627 19.56 -20.77 -27.65
N TYR A 628 19.57 -22.04 -28.05
CA TYR A 628 20.68 -22.62 -28.79
C TYR A 628 20.19 -23.76 -29.69
N ASP A 629 21.04 -24.33 -30.54
CA ASP A 629 20.62 -25.44 -31.42
C ASP A 629 21.27 -26.80 -31.08
N VAL A 630 20.51 -27.88 -31.28
CA VAL A 630 21.01 -29.25 -31.05
C VAL A 630 20.66 -30.19 -32.21
N ARG A 631 21.39 -31.28 -32.30
CA ARG A 631 21.12 -32.34 -33.28
C ARG A 631 21.28 -33.68 -32.59
N LEU A 632 20.41 -34.62 -32.92
CA LEU A 632 20.49 -35.97 -32.39
C LEU A 632 21.60 -36.72 -33.10
N LYS A 633 22.52 -37.29 -32.32
CA LYS A 633 23.70 -37.95 -32.86
C LYS A 633 23.35 -39.13 -33.76
N ASP A 634 24.22 -39.46 -34.71
CA ASP A 634 23.98 -40.54 -35.69
C ASP A 634 23.78 -41.97 -35.08
N ASN A 635 24.47 -42.26 -33.98
CA ASN A 635 24.52 -43.60 -33.38
C ASN A 635 23.29 -44.04 -32.57
N TYR A 636 22.13 -43.46 -32.85
CA TYR A 636 20.95 -43.65 -32.01
C TYR A 636 20.20 -44.97 -32.19
N ILE A 637 19.41 -45.34 -31.19
CA ILE A 637 18.58 -46.55 -31.24
C ILE A 637 17.15 -46.18 -31.64
N SER A 638 16.60 -46.94 -32.59
CA SER A 638 15.34 -46.59 -33.26
C SER A 638 14.13 -46.49 -32.29
N ASN A 639 13.16 -45.65 -32.67
CA ASN A 639 11.94 -45.40 -31.85
C ASN A 639 12.18 -45.27 -30.34
N LYS A 640 13.44 -45.03 -29.96
CA LYS A 640 13.82 -44.82 -28.56
C LYS A 640 14.07 -43.35 -28.24
N PHE A 641 13.24 -42.81 -27.35
CA PHE A 641 13.34 -41.44 -26.90
C PHE A 641 14.60 -41.22 -26.10
N TYR A 642 15.39 -40.25 -26.57
CA TYR A 642 16.61 -39.84 -25.90
C TYR A 642 16.41 -38.47 -25.27
N ASN A 643 16.97 -38.30 -24.07
CA ASN A 643 17.00 -37.02 -23.35
C ASN A 643 17.83 -35.95 -24.09
N THR A 644 17.40 -34.70 -24.04
CA THR A 644 18.16 -33.64 -24.73
C THR A 644 19.31 -33.11 -23.89
N ASN A 645 19.14 -33.12 -22.58
CA ASN A 645 20.21 -32.72 -21.67
C ASN A 645 20.45 -33.74 -20.57
N ASN A 646 21.67 -33.80 -20.06
CA ASN A 646 21.92 -34.45 -18.76
C ASN A 646 21.31 -33.56 -17.69
N ARG A 647 21.61 -33.82 -16.42
CA ARG A 647 20.99 -33.02 -15.35
C ARG A 647 21.30 -31.50 -15.52
N THR A 648 20.24 -30.73 -15.75
CA THR A 648 20.32 -29.30 -15.97
C THR A 648 19.85 -28.57 -14.70
N THR A 649 20.70 -27.73 -14.13
CA THR A 649 20.41 -27.12 -12.82
C THR A 649 20.67 -25.61 -12.68
N LEU A 650 19.97 -25.00 -11.74
CA LEU A 650 20.26 -23.61 -11.37
C LEU A 650 20.81 -23.57 -9.97
N SER A 651 21.82 -22.75 -9.74
CA SER A 651 22.27 -22.45 -8.42
C SER A 651 21.96 -21.00 -8.23
N PRO A 652 20.88 -20.68 -7.49
CA PRO A 652 20.34 -19.34 -7.32
C PRO A 652 21.32 -18.38 -6.73
N LYS A 653 22.05 -18.84 -5.72
CA LYS A 653 23.13 -18.04 -5.17
C LYS A 653 24.28 -19.03 -5.18
N SER A 654 25.31 -18.76 -5.98
CA SER A 654 26.33 -19.79 -6.17
C SER A 654 27.42 -19.62 -5.11
N GLU A 655 27.51 -18.39 -4.57
CA GLU A 655 28.39 -18.07 -3.45
C GLU A 655 27.68 -18.26 -2.08
N LYS A 656 26.59 -17.53 -1.85
CA LYS A 656 25.78 -17.58 -0.58
C LYS A 656 25.26 -18.95 -0.17
N GLU A 657 25.08 -19.88 -1.09
CA GLU A 657 24.64 -21.24 -0.72
C GLU A 657 24.91 -22.26 -1.84
N PRO A 658 26.20 -22.52 -2.11
CA PRO A 658 26.60 -23.35 -3.25
C PRO A 658 25.82 -24.66 -3.30
N ASN A 659 25.28 -25.08 -2.18
CA ASN A 659 24.56 -26.35 -2.14
C ASN A 659 23.09 -26.32 -2.58
N THR A 660 22.53 -25.13 -2.76
CA THR A 660 21.14 -24.98 -3.20
C THR A 660 21.06 -25.18 -4.71
N ILE A 661 20.43 -26.27 -5.15
CA ILE A 661 20.46 -26.66 -6.54
C ILE A 661 19.09 -27.10 -7.06
N ARG A 662 18.59 -26.40 -8.09
CA ARG A 662 17.22 -26.61 -8.63
C ARG A 662 17.26 -27.29 -9.98
N ASP A 663 16.40 -28.26 -10.22
CA ASP A 663 16.43 -28.97 -11.51
C ASP A 663 15.58 -28.26 -12.56
N PHE A 664 15.93 -28.47 -13.84
CA PHE A 664 15.15 -27.93 -14.96
C PHE A 664 14.45 -29.16 -15.51
N PRO A 665 13.25 -28.99 -16.06
CA PRO A 665 12.71 -30.12 -16.79
C PRO A 665 13.48 -30.30 -18.11
N ILE A 666 13.50 -31.52 -18.64
CA ILE A 666 14.31 -31.85 -19.81
C ILE A 666 13.42 -32.46 -20.88
N PRO A 667 13.37 -31.88 -22.10
CA PRO A 667 12.70 -32.51 -23.25
C PRO A 667 13.40 -33.78 -23.72
N LYS A 668 12.76 -34.49 -24.65
CA LYS A 668 13.30 -35.74 -25.19
C LYS A 668 12.98 -35.81 -26.68
N ILE A 669 13.87 -36.45 -27.44
CA ILE A 669 13.66 -36.62 -28.90
C ILE A 669 14.01 -38.02 -29.37
N ARG A 670 13.44 -38.43 -30.51
CA ARG A 670 13.72 -39.74 -31.15
C ARG A 670 13.43 -39.76 -32.65
N ASP A 671 14.21 -40.55 -33.41
CA ASP A 671 13.97 -40.79 -34.86
C ASP A 671 14.19 -42.26 -35.25
N VAL A 672 13.87 -42.55 -36.53
CA VAL A 672 14.06 -43.87 -37.20
C VAL A 672 14.62 -43.65 -38.61
#